data_6ILU
#
_entry.id   6ILU
#
_cell.length_a   81.823
_cell.length_b   107.514
_cell.length_c   117.524
_cell.angle_alpha   90.00
_cell.angle_beta   90.00
_cell.angle_gamma   90.00
#
_symmetry.space_group_name_H-M   'I 2 2 2'
#
loop_
_entity.id
_entity.type
_entity.pdbx_description
1 polymer Lysin
2 non-polymer 'SULFATE ION'
3 non-polymer 1,2-ETHANEDIOL
4 water water
#
_entity_poly.entity_id   1
_entity_poly.type   'polypeptide(L)'
_entity_poly.pdbx_seq_one_letter_code
;GETAPVSEPEGIGVALSIYPDGYGVNLYERPSDPIYAGNITKKIPYKVFAGYWGGGDKDMICLGGEKQWAYNKHFTIDWY
KVRSKYPVGWGVNFYDGPSGNFLGNIDGSEVYNAHNRVGGYVDIGGNRWIKEEHVTITAK
;
_entity_poly.pdbx_strand_id   A,B
#
loop_
_chem_comp.id
_chem_comp.type
_chem_comp.name
_chem_comp.formula
EDO non-polymer 1,2-ETHANEDIOL 'C2 H6 O2'
SO4 non-polymer 'SULFATE ION' 'O4 S -2'
#
# COMPACT_ATOMS: atom_id res chain seq x y z
N VAL A 6 -19.57 -12.87 14.52
CA VAL A 6 -19.10 -13.58 13.33
C VAL A 6 -18.81 -12.52 12.25
N SER A 7 -17.68 -12.67 11.59
CA SER A 7 -17.26 -11.66 10.63
C SER A 7 -17.93 -11.86 9.28
N GLU A 8 -18.12 -10.75 8.58
CA GLU A 8 -18.57 -10.81 7.19
C GLU A 8 -17.52 -11.55 6.37
N PRO A 9 -17.90 -12.63 5.69
CA PRO A 9 -16.88 -13.40 5.00
C PRO A 9 -16.30 -12.74 3.76
N GLU A 10 -17.00 -11.74 3.18
CA GLU A 10 -16.45 -11.09 1.99
C GLU A 10 -16.83 -9.62 2.09
N GLY A 11 -16.10 -8.78 1.37
CA GLY A 11 -16.50 -7.36 1.28
C GLY A 11 -15.92 -6.46 2.34
N ILE A 12 -16.07 -5.15 2.09
CA ILE A 12 -15.59 -4.14 3.05
C ILE A 12 -16.66 -3.11 3.38
N GLY A 13 -17.86 -3.23 2.81
CA GLY A 13 -18.91 -2.27 3.14
C GLY A 13 -20.12 -2.47 2.23
N VAL A 14 -21.12 -1.62 2.36
CA VAL A 14 -22.33 -1.66 1.54
C VAL A 14 -22.64 -0.23 1.05
N ALA A 15 -22.86 -0.07 -0.25
CA ALA A 15 -23.08 1.24 -0.90
C ALA A 15 -24.51 1.39 -1.44
N LEU A 16 -25.10 2.56 -1.27
CA LEU A 16 -26.40 2.84 -1.85
C LEU A 16 -26.34 4.17 -2.60
N SER A 17 -26.76 4.18 -3.86
CA SER A 17 -26.80 5.40 -4.69
C SER A 17 -27.41 6.59 -3.94
N ILE A 18 -26.80 7.76 -4.08
CA ILE A 18 -27.43 9.00 -3.58
C ILE A 18 -28.54 9.55 -4.51
N TYR A 19 -28.66 8.96 -5.70
CA TYR A 19 -29.62 9.45 -6.72
C TYR A 19 -30.92 8.66 -6.64
N PRO A 20 -31.98 9.14 -7.31
CA PRO A 20 -33.24 8.40 -7.27
C PRO A 20 -33.12 7.05 -7.95
N ASP A 21 -34.02 6.14 -7.60
CA ASP A 21 -34.10 4.87 -8.34
C ASP A 21 -34.34 5.20 -9.82
N GLY A 22 -33.64 4.49 -10.71
CA GLY A 22 -33.75 4.74 -12.13
C GLY A 22 -32.69 5.69 -12.69
N TYR A 23 -32.01 6.40 -11.81
CA TYR A 23 -31.03 7.39 -12.25
C TYR A 23 -29.67 6.68 -12.40
N GLY A 24 -29.08 6.70 -13.60
CA GLY A 24 -27.89 5.92 -13.85
C GLY A 24 -26.66 6.41 -13.12
N VAL A 25 -25.97 5.49 -12.46
CA VAL A 25 -24.65 5.76 -11.90
C VAL A 25 -23.63 5.01 -12.73
N ASN A 26 -22.58 5.69 -13.19
CA ASN A 26 -21.63 5.05 -14.11
C ASN A 26 -20.66 4.12 -13.41
N LEU A 27 -20.34 3.04 -14.13
CA LEU A 27 -19.31 2.08 -13.72
C LEU A 27 -18.15 2.20 -14.68
N TYR A 28 -16.96 1.88 -14.17
CA TYR A 28 -15.72 2.12 -14.86
C TYR A 28 -14.73 0.97 -14.69
N GLU A 29 -13.78 0.89 -15.61
CA GLU A 29 -12.55 0.14 -15.32
C GLU A 29 -11.39 1.14 -15.16
N ARG A 30 -10.25 0.66 -14.65
CA ARG A 30 -9.01 1.47 -14.55
C ARG A 30 -9.17 2.67 -13.61
N PRO A 31 -9.20 2.40 -12.30
CA PRO A 31 -9.65 3.47 -11.39
C PRO A 31 -8.70 4.64 -11.27
N SER A 32 -7.42 4.50 -11.62
CA SER A 32 -6.60 5.70 -11.59
C SER A 32 -6.88 6.66 -12.77
N ASP A 33 -7.55 6.20 -13.82
CA ASP A 33 -7.86 7.07 -14.98
C ASP A 33 -9.06 6.42 -15.68
N PRO A 34 -10.25 6.58 -15.10
CA PRO A 34 -11.40 5.66 -15.35
C PRO A 34 -11.87 5.67 -16.80
N ILE A 35 -12.14 4.46 -17.32
CA ILE A 35 -12.72 4.24 -18.64
C ILE A 35 -14.13 3.73 -18.46
N TYR A 36 -15.09 4.39 -19.12
CA TYR A 36 -16.49 4.03 -18.96
C TYR A 36 -16.73 2.56 -19.27
N ALA A 37 -17.44 1.86 -18.38
CA ALA A 37 -17.78 0.47 -18.63
C ALA A 37 -19.25 0.22 -18.73
N GLY A 38 -20.03 1.00 -17.99
CA GLY A 38 -21.46 0.84 -18.09
C GLY A 38 -22.19 1.70 -17.10
N ASN A 39 -23.43 1.31 -16.79
CA ASN A 39 -24.39 2.17 -16.11
C ASN A 39 -25.34 1.36 -15.20
N ILE A 40 -25.47 1.69 -13.92
CA ILE A 40 -26.39 1.02 -12.98
C ILE A 40 -27.61 1.91 -12.69
N THR A 41 -28.83 1.46 -12.98
CA THR A 41 -30.01 2.28 -12.77
C THR A 41 -30.87 1.72 -11.65
N LYS A 42 -30.62 0.47 -11.28
CA LYS A 42 -31.43 -0.18 -10.24
C LYS A 42 -30.89 0.17 -8.90
N LYS A 43 -31.63 0.97 -8.15
CA LYS A 43 -31.15 1.40 -6.86
C LYS A 43 -31.49 0.39 -5.76
N ILE A 44 -30.48 -0.38 -5.37
CA ILE A 44 -30.55 -1.29 -4.23
C ILE A 44 -29.19 -1.22 -3.53
N PRO A 45 -29.10 -1.71 -2.29
CA PRO A 45 -27.74 -1.76 -1.71
C PRO A 45 -26.82 -2.73 -2.47
N TYR A 46 -25.56 -2.31 -2.70
CA TYR A 46 -24.58 -3.15 -3.37
C TYR A 46 -23.38 -3.39 -2.45
N LYS A 47 -22.95 -4.64 -2.31
CA LYS A 47 -21.75 -4.93 -1.53
C LYS A 47 -20.50 -4.33 -2.21
N VAL A 48 -19.63 -3.73 -1.41
CA VAL A 48 -18.37 -3.18 -1.88
C VAL A 48 -17.25 -4.19 -1.62
N PHE A 49 -16.45 -4.48 -2.64
CA PHE A 49 -15.41 -5.48 -2.50
C PHE A 49 -14.00 -4.90 -2.37
N ALA A 50 -13.79 -3.68 -2.82
CA ALA A 50 -12.47 -3.05 -2.78
C ALA A 50 -12.63 -1.56 -2.87
N GLY A 51 -11.58 -0.86 -2.45
CA GLY A 51 -11.54 0.59 -2.51
C GLY A 51 -10.28 1.01 -3.26
N TYR A 52 -10.40 2.10 -4.03
CA TYR A 52 -9.28 2.78 -4.64
C TYR A 52 -9.18 4.09 -3.88
N TRP A 53 -8.07 4.28 -3.17
CA TRP A 53 -7.94 5.43 -2.26
C TRP A 53 -7.12 6.51 -2.95
N GLY A 54 -7.77 7.19 -3.90
CA GLY A 54 -7.09 8.21 -4.68
C GLY A 54 -7.11 9.57 -4.02
N GLY A 55 -7.91 9.73 -2.99
CA GLY A 55 -7.93 10.95 -2.24
C GLY A 55 -9.13 11.75 -2.69
N GLY A 56 -10.03 11.99 -1.75
CA GLY A 56 -11.11 12.91 -2.00
C GLY A 56 -12.02 12.42 -3.10
N ASP A 57 -12.31 13.31 -4.06
CA ASP A 57 -13.23 13.03 -5.13
C ASP A 57 -12.78 11.90 -6.00
N LYS A 58 -11.50 11.54 -5.94
CA LYS A 58 -10.98 10.50 -6.81
C LYS A 58 -11.12 9.10 -6.22
N ASP A 59 -11.60 9.02 -4.98
CA ASP A 59 -11.88 7.70 -4.38
C ASP A 59 -12.94 6.94 -5.19
N MET A 60 -12.65 5.64 -5.37
CA MET A 60 -13.61 4.73 -6.02
C MET A 60 -13.85 3.45 -5.23
N ILE A 61 -15.02 2.83 -5.45
CA ILE A 61 -15.33 1.56 -4.81
C ILE A 61 -15.67 0.56 -5.89
N CYS A 62 -15.31 -0.71 -5.63
CA CYS A 62 -15.50 -1.76 -6.61
C CYS A 62 -16.72 -2.60 -6.22
N LEU A 63 -17.72 -2.66 -7.09
CA LEU A 63 -18.94 -3.43 -6.79
C LEU A 63 -18.92 -4.85 -7.34
N GLY A 64 -17.77 -5.31 -7.83
CA GLY A 64 -17.68 -6.67 -8.33
C GLY A 64 -16.26 -6.98 -8.74
N GLY A 65 -15.99 -6.80 -10.02
CA GLY A 65 -14.68 -7.04 -10.55
C GLY A 65 -14.15 -5.81 -11.29
N GLU A 66 -13.19 -6.04 -12.17
CA GLU A 66 -12.45 -4.93 -12.81
C GLU A 66 -13.26 -3.90 -13.52
N LYS A 67 -14.40 -4.31 -14.09
CA LYS A 67 -15.26 -3.29 -14.76
C LYS A 67 -16.40 -2.70 -13.89
N GLN A 68 -16.32 -2.85 -12.57
CA GLN A 68 -17.40 -2.36 -11.68
C GLN A 68 -16.91 -1.34 -10.68
N TRP A 69 -15.97 -0.49 -11.09
CA TRP A 69 -15.59 0.65 -10.22
C TRP A 69 -16.55 1.82 -10.36
N ALA A 70 -16.79 2.50 -9.24
CA ALA A 70 -17.68 3.65 -9.24
C ALA A 70 -17.15 4.69 -8.26
N TYR A 71 -17.46 5.96 -8.48
CA TYR A 71 -16.97 6.96 -7.53
C TYR A 71 -17.72 6.92 -6.19
N ASN A 72 -16.96 6.94 -5.07
CA ASN A 72 -17.58 6.98 -3.74
C ASN A 72 -18.60 8.08 -3.62
N LYS A 73 -18.35 9.23 -4.26
CA LYS A 73 -19.17 10.41 -4.05
C LYS A 73 -20.62 10.21 -4.55
N HIS A 74 -20.85 9.15 -5.33
CA HIS A 74 -22.20 8.89 -5.83
C HIS A 74 -22.99 7.99 -4.90
N PHE A 75 -22.40 7.60 -3.75
CA PHE A 75 -23.06 6.68 -2.81
C PHE A 75 -23.02 7.13 -1.37
N THR A 76 -23.95 6.64 -0.55
CA THR A 76 -23.73 6.65 0.90
C THR A 76 -23.21 5.24 1.23
N ILE A 77 -22.10 5.16 1.97
CA ILE A 77 -21.41 3.86 2.15
C ILE A 77 -21.38 3.54 3.62
N ASP A 78 -21.88 2.36 3.97
CA ASP A 78 -21.81 1.86 5.33
C ASP A 78 -20.62 0.91 5.35
N TRP A 79 -19.46 1.41 5.80
CA TRP A 79 -18.23 0.59 5.80
C TRP A 79 -18.34 -0.49 6.86
N TYR A 80 -17.79 -1.66 6.54
CA TYR A 80 -17.60 -2.66 7.58
C TYR A 80 -16.65 -2.12 8.64
N LYS A 81 -16.93 -2.48 9.90
CA LYS A 81 -16.20 -1.98 11.06
C LYS A 81 -15.27 -3.07 11.59
N VAL A 82 -14.02 -2.64 11.85
CA VAL A 82 -12.96 -3.56 12.29
C VAL A 82 -12.66 -3.30 13.75
N ARG A 83 -12.75 -4.36 14.58
CA ARG A 83 -12.48 -4.21 16.01
C ARG A 83 -11.57 -5.31 16.48
N SER A 84 -10.61 -4.98 17.33
CA SER A 84 -9.80 -6.04 17.98
C SER A 84 -10.69 -7.09 18.68
N LYS A 85 -10.24 -8.35 18.64
CA LYS A 85 -10.89 -9.40 19.43
C LYS A 85 -10.46 -9.34 20.90
N TYR A 86 -9.45 -8.53 21.21
CA TYR A 86 -8.77 -8.61 22.51
C TYR A 86 -9.08 -7.36 23.33
N PRO A 87 -8.85 -7.42 24.66
CA PRO A 87 -9.19 -6.26 25.48
C PRO A 87 -8.36 -5.03 25.13
N VAL A 88 -8.83 -3.86 25.52
CA VAL A 88 -8.03 -2.65 25.34
C VAL A 88 -6.68 -2.74 26.07
N GLY A 89 -5.63 -2.46 25.32
CA GLY A 89 -4.28 -2.49 25.83
C GLY A 89 -3.51 -3.72 25.33
N TRP A 90 -4.24 -4.66 24.73
CA TRP A 90 -3.65 -5.88 24.18
C TRP A 90 -3.24 -5.58 22.75
N GLY A 91 -1.94 -5.58 22.49
CA GLY A 91 -1.46 -5.09 21.21
C GLY A 91 -1.80 -5.98 20.02
N VAL A 92 -2.14 -5.34 18.89
CA VAL A 92 -2.39 -6.09 17.66
C VAL A 92 -1.47 -5.51 16.58
N ASN A 93 -0.66 -6.39 15.98
CA ASN A 93 0.33 -5.92 15.01
C ASN A 93 -0.30 -5.54 13.68
N PHE A 94 0.30 -4.57 13.01
CA PHE A 94 -0.07 -4.30 11.61
C PHE A 94 1.16 -4.20 10.74
N TYR A 95 0.90 -4.41 9.43
CA TYR A 95 1.96 -4.64 8.44
C TYR A 95 1.78 -3.70 7.27
N ASP A 96 2.79 -3.57 6.43
CA ASP A 96 2.64 -2.66 5.26
C ASP A 96 1.96 -3.26 4.02
N GLY A 97 1.45 -4.46 4.18
CA GLY A 97 0.61 -5.09 3.16
C GLY A 97 0.28 -6.46 3.70
N PRO A 98 -0.56 -7.20 2.98
CA PRO A 98 -0.80 -8.60 3.31
C PRO A 98 0.53 -9.37 3.37
N SER A 99 0.81 -10.04 4.49
CA SER A 99 2.05 -10.79 4.69
C SER A 99 3.28 -9.89 4.50
N GLY A 100 3.12 -8.62 4.88
CA GLY A 100 4.18 -7.64 4.60
C GLY A 100 5.11 -7.38 5.76
N ASN A 101 5.82 -6.25 5.69
CA ASN A 101 6.76 -5.88 6.74
C ASN A 101 6.03 -5.38 7.97
N PHE A 102 6.49 -5.81 9.15
CA PHE A 102 5.90 -5.30 10.37
C PHE A 102 6.10 -3.79 10.52
N LEU A 103 5.03 -3.09 10.84
CA LEU A 103 5.14 -1.62 10.99
C LEU A 103 4.89 -1.11 12.39
N GLY A 104 3.93 -1.72 13.09
CA GLY A 104 3.54 -1.13 14.37
C GLY A 104 2.40 -1.90 15.02
N ASN A 105 1.83 -1.37 16.10
CA ASN A 105 0.66 -2.03 16.68
C ASN A 105 -0.38 -1.02 17.12
N ILE A 106 -1.63 -1.49 17.17
CA ILE A 106 -2.69 -0.70 17.78
C ILE A 106 -3.02 -1.33 19.13
N ASP A 107 -3.74 -0.60 19.95
CA ASP A 107 -4.01 -1.07 21.31
C ASP A 107 -5.44 -1.55 21.47
N GLY A 108 -6.21 -1.54 20.40
CA GLY A 108 -7.56 -2.09 20.46
C GLY A 108 -8.61 -1.14 21.02
N SER A 109 -8.24 0.12 21.28
CA SER A 109 -9.23 1.03 21.83
C SER A 109 -10.12 1.66 20.76
N GLU A 110 -9.74 1.54 19.50
CA GLU A 110 -10.46 2.23 18.40
C GLU A 110 -11.22 1.24 17.49
N VAL A 111 -12.29 1.74 16.85
CA VAL A 111 -12.96 1.01 15.76
C VAL A 111 -12.51 1.60 14.41
N TYR A 112 -12.22 0.76 13.43
CA TYR A 112 -11.77 1.24 12.13
C TYR A 112 -12.73 0.88 11.02
N ASN A 113 -12.65 1.61 9.91
CA ASN A 113 -13.35 1.16 8.69
C ASN A 113 -12.46 0.26 7.87
N ALA A 114 -13.04 -0.84 7.36
CA ALA A 114 -12.32 -1.75 6.43
C ALA A 114 -12.05 -1.01 5.13
N HIS A 115 -10.76 -0.83 4.76
CA HIS A 115 -10.40 -0.13 3.52
C HIS A 115 -10.10 -1.07 2.35
N ASN A 116 -9.76 -2.34 2.68
CA ASN A 116 -9.52 -3.37 1.66
C ASN A 116 -9.28 -4.65 2.42
N ARG A 117 -9.46 -5.79 1.76
CA ARG A 117 -9.18 -7.09 2.38
C ARG A 117 -8.56 -7.97 1.34
N VAL A 118 -7.37 -8.51 1.66
CA VAL A 118 -6.55 -9.30 0.73
C VAL A 118 -5.82 -10.38 1.50
N GLY A 119 -5.92 -11.63 1.06
CA GLY A 119 -5.02 -12.65 1.60
C GLY A 119 -5.08 -12.89 3.09
N GLY A 120 -6.26 -12.68 3.67
CA GLY A 120 -6.42 -12.90 5.11
C GLY A 120 -6.02 -11.71 5.96
N TYR A 121 -5.83 -10.55 5.34
CA TYR A 121 -5.48 -9.33 6.06
C TYR A 121 -6.47 -8.24 5.69
N VAL A 122 -6.71 -7.34 6.63
CA VAL A 122 -7.58 -6.19 6.38
C VAL A 122 -6.83 -4.89 6.63
N ASP A 123 -7.01 -3.94 5.71
CA ASP A 123 -6.42 -2.63 5.81
C ASP A 123 -7.35 -1.77 6.64
N ILE A 124 -6.89 -1.26 7.76
CA ILE A 124 -7.73 -0.38 8.58
C ILE A 124 -7.55 1.11 8.25
N GLY A 125 -6.86 1.38 7.15
CA GLY A 125 -6.65 2.74 6.69
C GLY A 125 -5.24 3.19 7.00
N GLY A 126 -4.69 4.03 6.13
CA GLY A 126 -3.33 4.45 6.31
C GLY A 126 -2.32 3.38 5.96
N ASN A 127 -2.74 2.41 5.13
CA ASN A 127 -1.87 1.30 4.72
C ASN A 127 -1.37 0.48 5.92
N ARG A 128 -2.32 0.08 6.73
CA ARG A 128 -2.06 -0.69 7.95
C ARG A 128 -2.85 -1.96 7.91
N TRP A 129 -2.13 -3.06 7.70
CA TRP A 129 -2.79 -4.36 7.41
C TRP A 129 -2.67 -5.28 8.61
N ILE A 130 -3.81 -5.77 9.08
CA ILE A 130 -3.91 -6.68 10.26
C ILE A 130 -4.44 -8.04 9.85
N LYS A 131 -3.91 -9.09 10.44
CA LYS A 131 -4.42 -10.43 10.17
C LYS A 131 -5.87 -10.51 10.61
N GLU A 132 -6.73 -11.08 9.77
CA GLU A 132 -8.16 -11.08 10.12
C GLU A 132 -8.44 -11.93 11.34
N GLU A 133 -7.55 -12.88 11.67
CA GLU A 133 -7.77 -13.73 12.84
C GLU A 133 -7.80 -12.89 14.13
N HIS A 134 -7.24 -11.69 14.12
CA HIS A 134 -7.16 -10.90 15.34
C HIS A 134 -8.31 -9.90 15.52
N VAL A 135 -9.17 -9.79 14.52
CA VAL A 135 -10.23 -8.78 14.56
C VAL A 135 -11.57 -9.34 14.13
N THR A 136 -12.65 -8.64 14.51
CA THR A 136 -13.94 -8.88 13.89
C THR A 136 -14.15 -7.82 12.80
N ILE A 137 -14.85 -8.22 11.73
CA ILE A 137 -15.18 -7.32 10.62
C ILE A 137 -16.66 -7.47 10.43
N THR A 138 -17.43 -6.45 10.81
CA THR A 138 -18.89 -6.62 10.88
C THR A 138 -19.62 -5.44 10.23
N ALA A 139 -20.91 -5.60 9.94
CA ALA A 139 -21.65 -4.58 9.17
C ALA A 139 -21.81 -3.29 9.97
N LYS A 140 -21.85 -3.41 11.30
CA LYS A 140 -21.98 -2.26 12.22
C LYS A 140 -20.96 -2.31 13.35
N VAL B 6 20.75 -6.20 -16.94
CA VAL B 6 20.56 -7.13 -15.84
C VAL B 6 20.14 -6.36 -14.58
N SER B 7 19.02 -6.77 -14.03
CA SER B 7 18.53 -6.07 -12.86
C SER B 7 19.25 -6.51 -11.58
N GLU B 8 19.35 -5.58 -10.63
CA GLU B 8 19.79 -5.95 -9.27
C GLU B 8 18.86 -7.02 -8.71
N PRO B 9 19.43 -8.16 -8.31
CA PRO B 9 18.56 -9.26 -7.86
C PRO B 9 17.84 -8.98 -6.55
N GLU B 10 18.36 -8.09 -5.71
CA GLU B 10 17.73 -7.79 -4.41
C GLU B 10 17.92 -6.34 -4.10
N GLY B 11 17.06 -5.81 -3.24
CA GLY B 11 17.21 -4.44 -2.76
C GLY B 11 16.54 -3.37 -3.58
N ILE B 12 16.51 -2.16 -3.03
CA ILE B 12 15.93 -1.01 -3.72
C ILE B 12 16.83 0.20 -3.71
N GLY B 13 18.03 0.07 -3.15
CA GLY B 13 18.97 1.19 -3.19
C GLY B 13 20.20 0.93 -2.35
N VAL B 14 21.08 1.93 -2.26
CA VAL B 14 22.29 1.80 -1.47
C VAL B 14 22.45 3.08 -0.65
N ALA B 15 22.74 2.93 0.64
CA ALA B 15 22.80 4.09 1.55
C ALA B 15 24.18 4.25 2.16
N LEU B 16 24.59 5.51 2.36
CA LEU B 16 25.87 5.76 2.98
C LEU B 16 25.69 6.87 4.00
N SER B 17 26.19 6.62 5.20
CA SER B 17 26.12 7.62 6.25
C SER B 17 26.59 9.00 5.80
N ILE B 18 25.86 10.03 6.22
CA ILE B 18 26.31 11.42 5.97
C ILE B 18 27.38 11.89 6.97
N TYR B 19 27.63 11.07 7.99
CA TYR B 19 28.56 11.46 9.06
C TYR B 19 29.94 10.85 8.85
N PRO B 20 30.93 11.31 9.63
CA PRO B 20 32.27 10.72 9.54
C PRO B 20 32.27 9.27 9.96
N ASP B 21 33.28 8.54 9.51
CA ASP B 21 33.40 7.15 9.91
C ASP B 21 33.55 7.11 11.43
N GLY B 22 32.87 6.19 12.09
CA GLY B 22 32.96 6.09 13.54
C GLY B 22 31.80 6.75 14.28
N TYR B 23 31.04 7.59 13.57
CA TYR B 23 29.95 8.31 14.18
C TYR B 23 28.75 7.38 14.22
N GLY B 24 28.09 7.22 15.36
CA GLY B 24 27.03 6.22 15.46
C GLY B 24 25.73 6.63 14.79
N VAL B 25 25.06 5.68 14.16
CA VAL B 25 23.70 5.92 13.65
C VAL B 25 22.82 4.81 14.25
N ASN B 26 21.70 5.21 14.83
CA ASN B 26 20.82 4.24 15.51
C ASN B 26 20.05 3.35 14.54
N LEU B 27 19.88 2.11 14.98
CA LEU B 27 19.01 1.14 14.31
C LEU B 27 17.78 0.92 15.18
N TYR B 28 16.65 0.58 14.55
CA TYR B 28 15.36 0.49 15.22
C TYR B 28 14.55 -0.69 14.74
N GLU B 29 13.60 -1.09 15.57
CA GLU B 29 12.48 -1.93 15.13
C GLU B 29 11.21 -1.08 15.14
N ARG B 30 10.14 -1.56 14.49
CA ARG B 30 8.80 -0.92 14.52
C ARG B 30 8.80 0.49 13.91
N PRO B 31 8.96 0.58 12.59
CA PRO B 31 9.26 1.87 11.97
C PRO B 31 8.16 2.93 12.10
N SER B 32 6.92 2.49 12.34
CA SER B 32 5.86 3.50 12.52
C SER B 32 5.99 4.25 13.86
N ASP B 33 6.67 3.63 14.85
CA ASP B 33 6.89 4.25 16.17
C ASP B 33 8.15 3.59 16.76
N PRO B 34 9.33 4.02 16.28
CA PRO B 34 10.58 3.24 16.40
C PRO B 34 11.02 2.98 17.83
N ILE B 35 11.54 1.76 18.00
CA ILE B 35 12.12 1.30 19.29
C ILE B 35 13.57 1.00 19.04
N TYR B 36 14.43 1.58 19.86
CA TYR B 36 15.86 1.41 19.69
C TYR B 36 16.24 -0.06 19.64
N ALA B 37 17.09 -0.41 18.67
CA ALA B 37 17.44 -1.80 18.46
C ALA B 37 18.92 -2.00 18.26
N GLY B 38 19.67 -0.91 18.13
CA GLY B 38 21.11 -1.07 17.99
C GLY B 38 21.71 0.22 17.46
N ASN B 39 22.96 0.20 17.08
CA ASN B 39 23.62 1.46 16.71
C ASN B 39 24.92 1.09 16.07
N ILE B 40 25.07 1.41 14.79
CA ILE B 40 26.35 1.13 14.12
C ILE B 40 27.22 2.36 13.73
N THR B 41 28.53 2.11 13.77
CA THR B 41 29.54 3.17 13.70
C THR B 41 30.40 2.96 12.47
N LYS B 42 30.21 1.80 11.83
CA LYS B 42 31.04 1.39 10.72
C LYS B 42 30.56 2.05 9.43
N LYS B 43 31.31 2.97 8.85
CA LYS B 43 30.82 3.65 7.65
C LYS B 43 31.20 2.94 6.37
N ILE B 44 30.24 2.22 5.80
CA ILE B 44 30.38 1.56 4.52
C ILE B 44 29.03 1.68 3.82
N PRO B 45 28.98 1.51 2.49
CA PRO B 45 27.66 1.46 1.87
C PRO B 45 26.85 0.25 2.37
N TYR B 46 25.57 0.48 2.58
CA TYR B 46 24.63 -0.58 2.98
C TYR B 46 23.53 -0.71 1.96
N LYS B 47 23.27 -1.92 1.52
CA LYS B 47 22.11 -2.15 0.66
C LYS B 47 20.82 -1.90 1.44
N VAL B 48 19.89 -1.23 0.77
CA VAL B 48 18.57 -0.98 1.33
C VAL B 48 17.60 -2.02 0.85
N PHE B 49 16.91 -2.72 1.78
CA PHE B 49 16.02 -3.79 1.36
C PHE B 49 14.58 -3.40 1.37
N ALA B 50 14.22 -2.37 2.14
CA ALA B 50 12.83 -1.94 2.18
C ALA B 50 12.78 -0.50 2.63
N GLY B 51 11.66 0.14 2.30
CA GLY B 51 11.39 1.51 2.75
C GLY B 51 10.13 1.59 3.56
N TYR B 52 10.13 2.48 4.56
CA TYR B 52 8.95 2.87 5.28
C TYR B 52 8.68 4.32 4.90
N TRP B 53 7.53 4.55 4.29
CA TRP B 53 7.27 5.85 3.63
C TRP B 53 6.36 6.68 4.54
N GLY B 54 6.93 7.13 5.65
CA GLY B 54 6.12 7.80 6.66
C GLY B 54 5.96 9.28 6.36
N GLY B 55 6.72 9.77 5.40
CA GLY B 55 6.63 11.17 5.00
C GLY B 55 7.74 11.94 5.67
N GLY B 56 8.55 12.57 4.81
CA GLY B 56 9.58 13.48 5.26
C GLY B 56 10.53 12.86 6.27
N ASP B 57 10.55 13.52 7.43
CA ASP B 57 11.43 13.21 8.54
C ASP B 57 11.26 11.78 9.02
N LYS B 58 10.05 11.26 8.80
CA LYS B 58 9.71 9.92 9.32
C LYS B 58 10.04 8.76 8.41
N ASP B 59 10.56 9.04 7.22
CA ASP B 59 10.94 7.97 6.29
C ASP B 59 12.06 7.13 6.92
N MET B 60 11.97 5.81 6.76
CA MET B 60 13.05 4.94 7.23
C MET B 60 13.43 3.93 6.16
N ILE B 61 14.65 3.41 6.25
CA ILE B 61 15.13 2.39 5.32
C ILE B 61 15.55 1.17 6.16
N CYS B 62 15.32 0.01 5.58
CA CYS B 62 15.68 -1.25 6.25
C CYS B 62 16.97 -1.80 5.67
N LEU B 63 17.97 -1.98 6.54
CA LEU B 63 19.27 -2.43 6.07
C LEU B 63 19.43 -3.94 6.18
N GLY B 64 18.38 -4.62 6.60
CA GLY B 64 18.50 -6.07 6.73
C GLY B 64 17.17 -6.68 7.13
N GLY B 65 16.93 -6.69 8.42
CA GLY B 65 15.74 -7.30 8.98
C GLY B 65 14.97 -6.34 9.89
N GLU B 66 14.08 -6.94 10.68
CA GLU B 66 13.12 -6.17 11.47
C GLU B 66 13.77 -5.26 12.50
N LYS B 67 15.02 -5.56 12.87
CA LYS B 67 15.71 -4.72 13.84
C LYS B 67 16.76 -3.82 13.21
N GLN B 68 16.70 -3.59 11.89
CA GLN B 68 17.74 -2.79 11.23
C GLN B 68 17.12 -1.69 10.40
N TRP B 69 16.10 -1.04 10.94
CA TRP B 69 15.57 0.18 10.32
C TRP B 69 16.36 1.38 10.79
N ALA B 70 16.59 2.34 9.89
CA ALA B 70 17.26 3.59 10.25
C ALA B 70 16.58 4.74 9.52
N TYR B 71 16.69 5.96 10.06
CA TYR B 71 16.07 7.10 9.39
C TYR B 71 16.83 7.48 8.12
N ASN B 72 16.09 7.72 7.04
CA ASN B 72 16.69 8.15 5.78
C ASN B 72 17.57 9.37 5.96
N LYS B 73 17.19 10.24 6.89
CA LYS B 73 17.84 11.54 7.04
C LYS B 73 19.30 11.43 7.45
N HIS B 74 19.74 10.22 7.86
CA HIS B 74 21.14 10.06 8.27
C HIS B 74 22.02 9.51 7.13
N PHE B 75 21.43 9.42 5.92
CA PHE B 75 22.14 8.79 4.78
C PHE B 75 22.02 9.56 3.52
N THR B 76 22.99 9.36 2.64
CA THR B 76 22.84 9.72 1.22
C THR B 76 22.38 8.43 0.55
N ILE B 77 21.21 8.43 -0.07
CA ILE B 77 20.66 7.17 -0.61
C ILE B 77 20.66 7.26 -2.14
N ASP B 78 21.34 6.31 -2.77
CA ASP B 78 21.30 6.14 -4.20
C ASP B 78 20.22 5.08 -4.52
N TRP B 79 19.00 5.53 -4.82
CA TRP B 79 17.90 4.60 -5.08
C TRP B 79 18.11 3.85 -6.38
N TYR B 80 17.72 2.57 -6.41
CA TYR B 80 17.70 1.84 -7.67
C TYR B 80 16.66 2.50 -8.59
N LYS B 81 16.96 2.49 -9.88
CA LYS B 81 16.16 3.18 -10.90
C LYS B 81 15.38 2.16 -11.68
N VAL B 82 14.09 2.44 -11.81
CA VAL B 82 13.17 1.57 -12.54
C VAL B 82 12.77 2.14 -13.87
N ARG B 83 12.98 1.36 -14.93
CA ARG B 83 12.70 1.79 -16.32
C ARG B 83 11.96 0.71 -17.07
N SER B 84 10.99 1.11 -17.88
CA SER B 84 10.31 0.15 -18.75
C SER B 84 11.31 -0.59 -19.63
N LYS B 85 11.08 -1.87 -19.88
CA LYS B 85 11.82 -2.57 -20.94
C LYS B 85 11.35 -2.23 -22.36
N TYR B 86 10.25 -1.51 -22.46
CA TYR B 86 9.59 -1.31 -23.77
C TYR B 86 9.72 0.14 -24.23
N PRO B 87 9.56 0.39 -25.53
CA PRO B 87 9.58 1.77 -26.04
C PRO B 87 8.54 2.67 -25.38
N VAL B 88 8.77 3.97 -25.41
CA VAL B 88 7.75 4.91 -24.96
C VAL B 88 6.45 4.71 -25.74
N GLY B 89 5.34 4.67 -25.03
CA GLY B 89 4.06 4.50 -25.67
C GLY B 89 3.54 3.09 -25.47
N TRP B 90 4.43 2.15 -25.14
CA TRP B 90 3.98 0.80 -24.79
C TRP B 90 3.52 0.82 -23.36
N GLY B 91 2.21 0.71 -23.14
CA GLY B 91 1.68 0.87 -21.78
C GLY B 91 2.05 -0.30 -20.89
N VAL B 92 2.41 0.00 -19.65
CA VAL B 92 2.78 -1.03 -18.68
C VAL B 92 1.84 -0.92 -17.48
N ASN B 93 1.19 -2.03 -17.16
CA ASN B 93 0.16 -2.10 -16.09
C ASN B 93 0.79 -1.88 -14.71
N PHE B 94 0.07 -1.15 -13.85
CA PHE B 94 0.43 -1.15 -12.43
C PHE B 94 -0.80 -1.40 -11.57
N TYR B 95 -0.49 -1.90 -10.34
CA TYR B 95 -1.49 -2.48 -9.44
C TYR B 95 -1.42 -1.83 -8.07
N ASP B 96 -2.41 -2.09 -7.22
CA ASP B 96 -2.39 -1.48 -5.87
C ASP B 96 -1.57 -2.27 -4.84
N GLY B 97 -0.88 -3.30 -5.30
CA GLY B 97 -0.02 -4.13 -4.45
C GLY B 97 0.54 -5.24 -5.28
N PRO B 98 1.48 -6.02 -4.71
CA PRO B 98 1.96 -7.18 -5.47
C PRO B 98 0.79 -8.10 -5.77
N SER B 99 0.63 -8.50 -7.03
CA SER B 99 -0.52 -9.33 -7.49
C SER B 99 -1.84 -8.71 -7.10
N GLY B 100 -1.87 -7.37 -7.11
CA GLY B 100 -3.03 -6.64 -6.61
C GLY B 100 -4.06 -6.25 -7.67
N ASN B 101 -4.89 -5.26 -7.31
CA ASN B 101 -5.97 -4.81 -8.22
C ASN B 101 -5.36 -3.93 -9.28
N PHE B 102 -5.75 -4.13 -10.55
CA PHE B 102 -5.29 -3.25 -11.61
C PHE B 102 -5.73 -1.77 -11.38
N LEU B 103 -4.79 -0.83 -11.52
CA LEU B 103 -5.10 0.58 -11.29
C LEU B 103 -4.95 1.40 -12.53
N GLY B 104 -3.92 1.09 -13.31
CA GLY B 104 -3.65 1.97 -14.44
C GLY B 104 -2.41 1.60 -15.22
N ASN B 105 -1.99 2.46 -16.13
CA ASN B 105 -0.79 2.19 -16.91
C ASN B 105 0.14 3.37 -16.93
N ILE B 106 1.43 3.08 -17.02
CA ILE B 106 2.39 4.12 -17.34
C ILE B 106 2.80 3.94 -18.79
N ASP B 107 3.35 5.00 -19.40
CA ASP B 107 3.68 4.95 -20.82
C ASP B 107 5.16 4.71 -21.06
N GLY B 108 5.91 4.52 -19.99
CA GLY B 108 7.33 4.21 -20.09
C GLY B 108 8.25 5.36 -20.44
N SER B 109 7.76 6.60 -20.36
CA SER B 109 8.60 7.75 -20.68
C SER B 109 9.46 8.21 -19.48
N GLU B 110 9.09 7.78 -18.27
CA GLU B 110 9.75 8.22 -17.01
C GLU B 110 10.64 7.17 -16.38
N VAL B 111 11.63 7.65 -15.62
CA VAL B 111 12.44 6.81 -14.72
C VAL B 111 11.91 6.96 -13.30
N TYR B 112 11.75 5.85 -12.58
CA TYR B 112 11.24 5.87 -11.20
C TYR B 112 12.28 5.40 -10.23
N ASN B 113 12.14 5.81 -8.95
CA ASN B 113 12.92 5.18 -7.89
C ASN B 113 12.16 3.98 -7.35
N ALA B 114 12.88 2.91 -7.05
CA ALA B 114 12.26 1.71 -6.45
C ALA B 114 11.92 2.05 -5.01
N HIS B 115 10.65 1.97 -4.63
CA HIS B 115 10.23 2.26 -3.27
C HIS B 115 10.11 1.00 -2.37
N ASN B 116 9.88 -0.17 -2.98
CA ASN B 116 9.80 -1.46 -2.28
C ASN B 116 9.68 -2.55 -3.35
N ARG B 117 10.07 -3.77 -3.01
CA ARG B 117 9.96 -4.90 -3.96
C ARG B 117 9.47 -6.09 -3.17
N VAL B 118 8.36 -6.67 -3.63
CA VAL B 118 7.69 -7.80 -2.96
C VAL B 118 7.14 -8.71 -4.02
N GLY B 119 7.37 -10.01 -3.89
CA GLY B 119 6.59 -10.99 -4.67
C GLY B 119 6.71 -10.83 -6.18
N GLY B 120 7.85 -10.35 -6.64
CA GLY B 120 8.05 -10.12 -8.09
C GLY B 120 7.46 -8.85 -8.66
N TYR B 121 7.11 -7.90 -7.77
CA TYR B 121 6.58 -6.59 -8.18
C TYR B 121 7.38 -5.49 -7.53
N VAL B 122 7.53 -4.36 -8.22
CA VAL B 122 8.24 -3.23 -7.64
C VAL B 122 7.28 -2.04 -7.53
N ASP B 123 7.33 -1.35 -6.39
CA ASP B 123 6.56 -0.12 -6.19
C ASP B 123 7.36 1.05 -6.75
N ILE B 124 6.83 1.75 -7.77
CA ILE B 124 7.54 2.89 -8.35
C ILE B 124 7.20 4.20 -7.63
N GLY B 125 6.47 4.10 -6.51
CA GLY B 125 6.10 5.29 -5.75
C GLY B 125 4.63 5.60 -5.93
N GLY B 126 4.00 6.12 -4.90
CA GLY B 126 2.57 6.42 -4.99
C GLY B 126 1.74 5.15 -4.94
N ASN B 127 2.29 4.11 -4.31
CA ASN B 127 1.61 2.80 -4.22
C ASN B 127 1.23 2.25 -5.62
N ARG B 128 2.19 2.12 -6.49
CA ARG B 128 1.96 1.68 -7.86
C ARG B 128 2.93 0.56 -8.14
N TRP B 129 2.40 -0.65 -8.32
CA TRP B 129 3.24 -1.85 -8.32
C TRP B 129 3.24 -2.46 -9.72
N ILE B 130 4.45 -2.68 -10.26
CA ILE B 130 4.63 -3.19 -11.63
C ILE B 130 5.35 -4.53 -11.55
N LYS B 131 4.96 -5.48 -12.38
CA LYS B 131 5.68 -6.76 -12.45
C LYS B 131 7.13 -6.51 -12.84
N GLU B 132 8.08 -7.16 -12.16
CA GLU B 132 9.49 -6.88 -12.46
C GLU B 132 9.84 -7.34 -13.87
N GLU B 133 9.08 -8.27 -14.46
CA GLU B 133 9.41 -8.74 -15.79
C GLU B 133 9.30 -7.62 -16.83
N HIS B 134 8.59 -6.54 -16.50
CA HIS B 134 8.37 -5.47 -17.48
C HIS B 134 9.35 -4.30 -17.36
N VAL B 135 10.22 -4.35 -16.37
CA VAL B 135 11.12 -3.22 -16.07
C VAL B 135 12.54 -3.70 -15.79
N THR B 136 13.52 -2.81 -15.98
CA THR B 136 14.84 -3.01 -15.40
C THR B 136 14.93 -2.23 -14.07
N ILE B 137 15.67 -2.78 -13.11
CA ILE B 137 15.88 -2.17 -11.80
C ILE B 137 17.37 -2.15 -11.61
N THR B 138 17.99 -0.98 -11.72
CA THR B 138 19.46 -0.95 -11.83
C THR B 138 20.03 0.09 -10.88
N ALA B 139 21.33 0.03 -10.62
CA ALA B 139 21.88 0.92 -9.59
C ALA B 139 21.90 2.37 -10.05
N LYS B 140 22.05 2.59 -11.36
CA LYS B 140 21.97 3.95 -11.92
C LYS B 140 20.89 4.05 -13.01
S SO4 C . 0.71 -11.41 14.22
O1 SO4 C . 1.79 -11.77 13.31
O2 SO4 C . -0.14 -10.34 13.70
O3 SO4 C . -0.06 -12.66 14.39
O4 SO4 C . 1.29 -10.98 15.47
S SO4 D . -18.01 6.61 8.57
O1 SO4 D . -18.18 6.63 7.11
O2 SO4 D . -18.38 7.91 9.11
O3 SO4 D . -16.64 6.30 8.92
O4 SO4 D . -18.88 5.60 9.16
S SO4 E . -28.42 -2.59 -13.39
O1 SO4 E . -29.15 -1.35 -13.62
O2 SO4 E . -27.20 -2.60 -14.19
O3 SO4 E . -29.25 -3.73 -13.76
O4 SO4 E . -28.07 -2.69 -11.97
S SO4 F . -11.61 -4.24 28.27
O1 SO4 F . -12.27 -2.94 28.22
O2 SO4 F . -11.51 -4.76 26.91
O3 SO4 F . -12.41 -5.17 29.08
O4 SO4 F . -10.29 -4.10 28.88
S SO4 G . -15.18 -14.16 13.63
O1 SO4 G . -14.70 -12.80 13.44
O2 SO4 G . -15.75 -14.70 12.39
O3 SO4 G . -16.20 -14.16 14.69
O4 SO4 G . -14.06 -15.01 14.05
C1 EDO H . -5.99 2.95 2.42
O1 EDO H . -5.00 2.44 3.33
C2 EDO H . -5.95 4.47 2.37
O2 EDO H . -5.74 5.04 3.66
C1 EDO I . -5.59 5.02 15.61
O1 EDO I . -4.87 3.77 15.39
C2 EDO I . -5.47 5.98 14.44
O2 EDO I . -6.19 5.56 13.25
C1 EDO J . -12.84 -9.94 0.45
O1 EDO J . -14.15 -10.28 0.00
C2 EDO J . -12.45 -8.71 -0.37
O2 EDO J . -13.45 -7.72 -0.08
C1 EDO K . -18.51 -0.09 19.72
O1 EDO K . -17.38 -0.96 19.91
C2 EDO K . -18.04 1.25 19.18
O2 EDO K . -18.57 1.39 17.85
C1 EDO L . 3.47 -5.28 0.33
O1 EDO L . 2.17 -5.73 0.02
C2 EDO L . 4.02 -6.09 1.50
O2 EDO L . 5.31 -5.61 1.91
S SO4 M . 0.59 -7.55 -17.01
O1 SO4 M . 0.38 -6.70 -18.18
O2 SO4 M . -0.57 -8.38 -16.76
O3 SO4 M . 1.74 -8.44 -17.17
O4 SO4 M . 0.87 -6.69 -15.84
S SO4 N . 16.83 11.08 -6.63
O1 SO4 N . 16.35 12.40 -6.22
O2 SO4 N . 15.73 10.35 -7.26
O3 SO4 N . 17.29 10.36 -5.44
O4 SO4 N . 17.91 11.23 -7.60
S SO4 O . 16.73 -7.91 -16.52
O1 SO4 O . 15.92 -6.89 -15.87
O2 SO4 O . 17.54 -7.26 -17.55
O3 SO4 O . 17.58 -8.60 -15.53
O4 SO4 O . 15.85 -8.89 -17.15
C1 EDO P . 5.62 4.38 -1.78
O1 EDO P . 4.57 3.94 -2.60
C2 EDO P . 5.17 5.73 -1.20
O2 EDO P . 4.96 6.63 -2.30
C1 EDO Q . -6.57 -8.92 -7.60
O1 EDO Q . -8.01 -8.97 -7.74
C2 EDO Q . -6.03 -10.36 -7.50
O2 EDO Q . -6.58 -11.13 -8.59
C1 EDO R . 35.39 9.41 6.19
O1 EDO R . 35.25 9.59 7.60
C2 EDO R . 34.05 9.58 5.50
O2 EDO R . 33.69 10.98 5.49
C1 EDO S . 13.67 -7.54 -2.57
O1 EDO S . 15.02 -7.99 -2.48
C2 EDO S . 13.48 -6.56 -1.41
O2 EDO S . 14.32 -5.43 -1.68
C1 EDO T . 17.62 8.06 -18.95
O1 EDO T . 16.94 6.83 -18.68
C2 EDO T . 17.29 9.01 -17.83
O2 EDO T . 17.90 8.45 -16.66
C1 EDO U . 4.30 9.83 -12.15
O1 EDO U . 5.39 9.46 -11.26
C2 EDO U . 4.52 9.52 -13.63
O2 EDO U . 4.14 8.16 -13.88
C1 EDO V . -3.06 -5.87 -3.17
O1 EDO V . -4.45 -5.61 -3.44
C2 EDO V . -2.69 -5.44 -1.76
O2 EDO V . -1.32 -5.69 -1.56
#